data_8Z4Q
#
_entry.id   8Z4Q
#
_cell.length_a   120.209
_cell.length_b   120.209
_cell.length_c   93.305
_cell.angle_alpha   90.00
_cell.angle_beta   90.00
_cell.angle_gamma   120.00
#
_symmetry.space_group_name_H-M   'P 62'
#
loop_
_entity.id
_entity.type
_entity.pdbx_description
1 polymer 'Hydroquinone Dioxygenase PaD'
2 non-polymer 'FE (III) ION'
3 water water
#
_entity_poly.entity_id   1
_entity_poly.type   'polypeptide(L)'
_entity_poly.pdbx_seq_one_letter_code
;MALELASTSEFRFDPERTPGLRHAKNLTDESTRELERVLEENHSNHHIFTTTEDHKGVYFHNHIAHHDITIWALGANPST
IRSQHDRNSLYQRQAMVIQDSVVKDMADPAVYKRCLGREENFLNYCRFFEDEINRIGYQAVLQKYLVDGSEIADDMLCRI
YMGYVHGIIHIGMALEFKQARLLAEGFAQAAVHHDWWYTEYLTQSEELARKQEEPALPLSDLIDLARQDDAIRNCSTLYY
HLQKRKVTGEMCLDLEPARDGVLKNAGPELRRVAARYRVDPNDLERATAELQNAAVYLTAGAQRPPHICAFDFFLLHSVT
SSIGHTMFLAEPSLSNAQKARLLEYTGRVFLLSYAGQGSPEPRLDWLASHPSRLPNQGWDEVFDRACYHEDDGHMC
(KCX)LIRCMAHAEETSRPYDHLPEFRVKQGLFLTAGIAAIDSGTDKPMDGTKHFDFIRGSGFKEAWERFPLRTGGLVNK
L
;
_entity_poly.pdbx_strand_id   A
#
# COMPACT_ATOMS: atom_id res chain seq x y z
N GLU A 4 8.10 -11.62 -20.00
CA GLU A 4 9.28 -11.32 -19.09
C GLU A 4 9.01 -11.93 -17.72
N LEU A 5 7.74 -12.02 -17.38
CA LEU A 5 7.32 -12.48 -16.04
C LEU A 5 7.27 -14.00 -16.08
N ALA A 6 7.43 -14.61 -14.92
CA ALA A 6 7.07 -16.02 -14.69
C ALA A 6 5.67 -16.31 -15.21
N SER A 7 5.41 -17.59 -15.44
CA SER A 7 4.15 -18.09 -16.04
C SER A 7 2.94 -17.62 -15.20
N THR A 8 1.84 -17.32 -15.88
CA THR A 8 0.51 -17.13 -15.22
C THR A 8 0.17 -18.36 -14.35
N SER A 9 0.66 -19.56 -14.69
CA SER A 9 0.10 -20.81 -14.13
C SER A 9 0.90 -21.29 -12.92
N GLU A 10 2.05 -20.70 -12.65
CA GLU A 10 2.83 -21.06 -11.44
C GLU A 10 3.73 -19.91 -11.00
N PHE A 11 4.04 -19.93 -9.72
CA PHE A 11 5.01 -19.04 -9.07
C PHE A 11 6.39 -19.65 -9.28
N ARG A 12 7.30 -18.86 -9.84
CA ARG A 12 8.73 -19.24 -9.98
C ARG A 12 9.56 -18.00 -9.70
N PHE A 13 10.24 -18.04 -8.57
CA PHE A 13 11.20 -17.08 -8.00
C PHE A 13 12.60 -17.67 -8.17
N ASP A 14 13.58 -16.77 -8.07
CA ASP A 14 15.03 -17.07 -8.19
C ASP A 14 15.78 -16.00 -7.42
N PRO A 15 16.70 -16.37 -6.50
CA PRO A 15 17.42 -15.38 -5.69
C PRO A 15 18.24 -14.38 -6.53
N GLU A 16 18.60 -14.71 -7.78
CA GLU A 16 19.35 -13.83 -8.71
C GLU A 16 18.42 -13.13 -9.69
N ARG A 17 17.39 -13.80 -10.23
CA ARG A 17 16.59 -13.23 -11.34
C ARG A 17 15.38 -12.44 -10.80
N THR A 18 14.89 -12.75 -9.59
CA THR A 18 13.63 -12.13 -9.04
C THR A 18 13.82 -11.72 -7.57
N PRO A 19 14.95 -11.10 -7.18
CA PRO A 19 15.20 -10.73 -5.78
C PRO A 19 14.48 -9.43 -5.34
N GLY A 20 13.90 -8.72 -6.28
CA GLY A 20 13.20 -7.44 -6.05
C GLY A 20 14.17 -6.26 -6.04
N LEU A 21 13.65 -5.08 -5.74
CA LEU A 21 14.40 -3.80 -5.79
C LEU A 21 15.27 -3.63 -4.56
N ARG A 22 14.96 -4.26 -3.43
CA ARG A 22 15.71 -4.11 -2.18
C ARG A 22 15.59 -5.40 -1.38
N HIS A 23 16.70 -5.98 -0.93
CA HIS A 23 16.69 -7.36 -0.40
C HIS A 23 17.91 -7.64 0.46
N ALA A 24 17.90 -8.77 1.14
CA ALA A 24 19.01 -9.22 2.01
C ALA A 24 20.10 -9.75 1.07
N LYS A 25 21.30 -9.93 1.63
CA LYS A 25 22.55 -10.27 0.89
C LYS A 25 22.46 -11.61 0.15
N ASN A 26 22.18 -12.69 0.89
CA ASN A 26 22.49 -14.07 0.42
C ASN A 26 21.22 -14.93 0.46
N LEU A 27 20.27 -14.63 -0.45
CA LEU A 27 19.00 -15.39 -0.61
C LEU A 27 19.30 -16.82 -1.11
N THR A 28 18.66 -17.81 -0.48
CA THR A 28 18.89 -19.26 -0.70
C THR A 28 17.83 -19.86 -1.63
N ASP A 29 18.21 -20.95 -2.31
CA ASP A 29 17.26 -21.73 -3.14
C ASP A 29 16.23 -22.36 -2.20
N GLU A 30 16.62 -22.74 -0.97
CA GLU A 30 15.76 -23.51 -0.02
C GLU A 30 14.56 -22.63 0.33
N SER A 31 14.86 -21.39 0.72
CA SER A 31 13.84 -20.34 1.00
C SER A 31 12.96 -20.05 -0.23
N THR A 32 13.52 -19.99 -1.43
CA THR A 32 12.76 -19.72 -2.66
C THR A 32 11.76 -20.86 -2.94
N ARG A 33 12.19 -22.11 -2.74
CA ARG A 33 11.28 -23.26 -3.03
C ARG A 33 10.11 -23.21 -2.01
N GLU A 34 10.40 -23.01 -0.73
CA GLU A 34 9.37 -22.88 0.32
C GLU A 34 8.42 -21.72 -0.06
N LEU A 35 8.94 -20.60 -0.52
CA LEU A 35 8.05 -19.46 -0.84
C LEU A 35 7.09 -19.87 -1.95
N GLU A 36 7.56 -20.61 -2.98
CA GLU A 36 6.70 -20.95 -4.13
C GLU A 36 5.59 -21.87 -3.60
N ARG A 37 5.92 -22.77 -2.68
CA ARG A 37 4.94 -23.74 -2.12
C ARG A 37 3.81 -22.98 -1.40
N VAL A 38 4.18 -22.08 -0.50
CA VAL A 38 3.19 -21.34 0.37
C VAL A 38 2.38 -20.37 -0.49
N LEU A 39 2.95 -19.71 -1.48
CA LEU A 39 2.16 -18.82 -2.36
C LEU A 39 1.08 -19.60 -3.09
N GLU A 40 1.36 -20.82 -3.56
CA GLU A 40 0.37 -21.54 -4.35
C GLU A 40 -0.72 -22.05 -3.40
N GLU A 41 -0.35 -22.43 -2.19
CA GLU A 41 -1.32 -22.82 -1.14
C GLU A 41 -2.22 -21.61 -0.89
N ASN A 42 -1.62 -20.44 -0.83
CA ASN A 42 -2.42 -19.23 -0.55
C ASN A 42 -3.38 -18.94 -1.70
N HIS A 43 -2.89 -18.95 -2.93
CA HIS A 43 -3.68 -18.67 -4.15
C HIS A 43 -4.90 -19.61 -4.25
N SER A 44 -4.66 -20.90 -4.05
CA SER A 44 -5.69 -21.93 -4.30
CA SER A 44 -5.68 -21.96 -4.29
C SER A 44 -6.66 -22.09 -3.11
N ASN A 45 -6.22 -21.77 -1.90
CA ASN A 45 -6.99 -22.13 -0.68
C ASN A 45 -7.63 -20.93 0.02
N HIS A 46 -7.03 -19.75 -0.06
CA HIS A 46 -7.45 -18.57 0.72
C HIS A 46 -8.06 -17.51 -0.19
N HIS A 47 -9.02 -16.79 0.33
CA HIS A 47 -9.67 -15.71 -0.42
C HIS A 47 -8.83 -14.42 -0.25
N ILE A 48 -9.08 -13.45 -1.08
CA ILE A 48 -8.36 -12.13 -1.04
C ILE A 48 -8.81 -11.31 0.18
N PHE A 49 -9.99 -11.59 0.76
CA PHE A 49 -10.46 -10.88 1.96
C PHE A 49 -10.57 -11.88 3.09
N THR A 50 -10.10 -11.50 4.25
CA THR A 50 -10.08 -12.37 5.46
C THR A 50 -11.37 -12.30 6.25
N THR A 51 -12.21 -11.30 5.97
CA THR A 51 -13.48 -11.10 6.70
C THR A 51 -14.56 -10.87 5.65
N THR A 52 -15.81 -11.12 6.01
CA THR A 52 -16.99 -10.66 5.24
C THR A 52 -17.13 -9.19 5.52
N GLU A 53 -17.70 -8.44 4.58
CA GLU A 53 -17.68 -6.98 4.70
C GLU A 53 -18.44 -6.58 5.97
N ASP A 54 -19.49 -7.31 6.35
CA ASP A 54 -20.37 -6.86 7.48
C ASP A 54 -19.75 -7.17 8.84
N HIS A 55 -18.78 -8.08 8.92
CA HIS A 55 -18.16 -8.48 10.19
C HIS A 55 -17.60 -7.26 10.89
N LYS A 56 -16.65 -6.56 10.26
CA LYS A 56 -16.03 -5.36 10.87
C LYS A 56 -16.57 -4.10 10.21
N GLY A 57 -17.35 -4.21 9.14
CA GLY A 57 -17.88 -3.03 8.44
C GLY A 57 -17.19 -2.74 7.14
N VAL A 58 -15.93 -3.12 7.07
CA VAL A 58 -15.14 -3.02 5.82
C VAL A 58 -14.42 -4.35 5.69
N TYR A 59 -13.98 -4.68 4.47
CA TYR A 59 -13.11 -5.87 4.28
C TYR A 59 -11.76 -5.67 4.91
N PHE A 60 -11.30 -6.72 5.59
CA PHE A 60 -9.90 -6.93 5.96
C PHE A 60 -9.29 -7.75 4.81
N HIS A 61 -7.99 -7.49 4.54
CA HIS A 61 -7.31 -8.09 3.35
C HIS A 61 -6.38 -9.23 3.72
N ASN A 62 -6.27 -10.16 2.80
CA ASN A 62 -5.25 -11.25 2.83
C ASN A 62 -3.90 -10.65 2.43
N HIS A 63 -2.97 -10.69 3.37
CA HIS A 63 -1.61 -10.10 3.22
C HIS A 63 -0.61 -11.22 3.01
N ILE A 64 -1.06 -12.48 2.96
CA ILE A 64 -0.07 -13.59 2.95
C ILE A 64 0.89 -13.43 1.74
N ALA A 65 0.40 -13.17 0.53
CA ALA A 65 1.29 -13.05 -0.67
C ALA A 65 2.33 -11.99 -0.32
N HIS A 66 1.89 -10.85 0.18
CA HIS A 66 2.84 -9.72 0.47
C HIS A 66 3.89 -10.09 1.52
N HIS A 67 3.46 -10.71 2.62
CA HIS A 67 4.26 -11.02 3.81
C HIS A 67 5.30 -12.11 3.42
N ASP A 68 4.79 -13.18 2.81
CA ASP A 68 5.65 -14.34 2.40
C ASP A 68 6.78 -13.79 1.49
N ILE A 69 6.41 -13.06 0.46
CA ILE A 69 7.40 -12.54 -0.53
C ILE A 69 8.36 -11.62 0.22
N THR A 70 7.82 -10.71 1.06
CA THR A 70 8.70 -9.71 1.69
C THR A 70 9.71 -10.39 2.59
N ILE A 71 9.33 -11.37 3.42
CA ILE A 71 10.30 -11.92 4.39
C ILE A 71 11.25 -12.86 3.60
N TRP A 72 10.82 -13.41 2.47
CA TRP A 72 11.76 -14.14 1.55
C TRP A 72 12.83 -13.16 1.06
N ALA A 73 12.40 -12.01 0.53
CA ALA A 73 13.31 -10.93 0.05
C ALA A 73 14.24 -10.44 1.16
N LEU A 74 13.83 -10.42 2.43
CA LEU A 74 14.66 -9.97 3.59
C LEU A 74 15.47 -11.09 4.24
N GLY A 75 15.53 -12.28 3.61
CA GLY A 75 16.48 -13.35 3.97
C GLY A 75 15.92 -14.36 4.95
N ALA A 76 14.60 -14.44 5.08
CA ALA A 76 13.97 -15.45 5.95
C ALA A 76 14.46 -16.85 5.53
N ASN A 77 14.65 -17.70 6.50
CA ASN A 77 14.92 -19.15 6.29
C ASN A 77 13.61 -19.91 6.04
N PRO A 78 13.63 -21.12 5.47
CA PRO A 78 12.37 -21.80 5.10
C PRO A 78 11.46 -22.04 6.31
N SER A 79 12.04 -22.27 7.47
CA SER A 79 11.32 -22.53 8.74
C SER A 79 10.52 -21.26 9.09
N THR A 80 11.13 -20.12 8.87
CA THR A 80 10.51 -18.82 9.28
C THR A 80 9.39 -18.54 8.30
N ILE A 81 9.63 -18.70 7.00
CA ILE A 81 8.58 -18.50 5.97
C ILE A 81 7.38 -19.36 6.37
N ARG A 82 7.61 -20.67 6.56
CA ARG A 82 6.52 -21.63 6.87
C ARG A 82 5.78 -21.20 8.16
N SER A 83 6.49 -20.85 9.22
CA SER A 83 5.90 -20.49 10.54
C SER A 83 4.98 -19.26 10.33
N GLN A 84 5.55 -18.26 9.66
CA GLN A 84 4.82 -16.97 9.48
C GLN A 84 3.59 -17.20 8.64
N HIS A 85 3.71 -17.95 7.55
CA HIS A 85 2.60 -18.26 6.63
C HIS A 85 1.51 -19.06 7.39
N ASP A 86 1.93 -20.07 8.17
CA ASP A 86 0.98 -20.99 8.84
C ASP A 86 0.14 -20.18 9.82
N ARG A 87 0.76 -19.28 10.58
CA ARG A 87 0.04 -18.52 11.63
C ARG A 87 -0.98 -17.60 10.95
N ASN A 88 -0.57 -16.90 9.90
CA ASN A 88 -1.52 -16.00 9.21
C ASN A 88 -2.60 -16.76 8.42
N SER A 89 -2.40 -18.03 8.07
CA SER A 89 -3.39 -18.85 7.36
C SER A 89 -4.61 -19.10 8.25
N LEU A 90 -4.41 -19.03 9.55
CA LEU A 90 -5.40 -19.55 10.50
C LEU A 90 -6.68 -18.72 10.42
N TYR A 91 -6.62 -17.41 10.13
CA TYR A 91 -7.84 -16.54 10.12
C TYR A 91 -8.36 -16.29 8.69
N GLN A 92 -7.85 -16.99 7.68
CA GLN A 92 -8.25 -16.80 6.26
C GLN A 92 -9.65 -17.30 5.98
N ARG A 93 -10.27 -16.74 4.96
CA ARG A 93 -11.49 -17.31 4.39
C ARG A 93 -11.13 -18.30 3.29
N GLN A 94 -12.05 -19.22 3.05
CA GLN A 94 -11.92 -20.24 2.01
C GLN A 94 -12.03 -19.57 0.62
N ALA A 95 -11.17 -19.95 -0.31
CA ALA A 95 -11.20 -19.46 -1.72
C ALA A 95 -12.57 -19.64 -2.36
N MET A 96 -12.90 -18.76 -3.28
CA MET A 96 -14.12 -18.85 -4.11
C MET A 96 -13.96 -19.90 -5.19
N VAL A 97 -15.07 -20.33 -5.76
CA VAL A 97 -15.11 -21.33 -6.85
C VAL A 97 -14.79 -20.62 -8.18
N ILE A 98 -14.03 -21.29 -9.05
CA ILE A 98 -13.83 -20.87 -10.45
C ILE A 98 -14.95 -21.48 -11.27
N GLN A 99 -15.67 -20.67 -11.99
CA GLN A 99 -16.58 -21.15 -13.03
C GLN A 99 -16.01 -20.82 -14.41
N ASP A 100 -15.62 -21.80 -15.23
CA ASP A 100 -14.78 -21.54 -16.42
C ASP A 100 -15.65 -20.81 -17.43
N SER A 101 -16.96 -21.11 -17.46
CA SER A 101 -17.83 -20.44 -18.46
C SER A 101 -17.84 -18.93 -18.13
N VAL A 102 -17.79 -18.55 -16.86
CA VAL A 102 -17.77 -17.10 -16.48
C VAL A 102 -16.44 -16.48 -16.88
N VAL A 103 -15.35 -17.14 -16.54
CA VAL A 103 -13.97 -16.75 -17.01
C VAL A 103 -13.98 -16.46 -18.52
N LYS A 104 -14.57 -17.32 -19.37
CA LYS A 104 -14.65 -17.04 -20.84
C LYS A 104 -15.62 -15.91 -21.16
N ASP A 105 -16.79 -15.87 -20.49
CA ASP A 105 -17.86 -14.91 -20.82
C ASP A 105 -17.37 -13.50 -20.50
N MET A 106 -16.39 -13.40 -19.62
CA MET A 106 -15.85 -12.09 -19.15
C MET A 106 -15.16 -11.35 -20.31
N ALA A 107 -14.88 -12.04 -21.43
CA ALA A 107 -14.36 -11.39 -22.66
C ALA A 107 -15.46 -10.52 -23.27
N ASP A 108 -16.74 -10.72 -22.94
CA ASP A 108 -17.82 -9.78 -23.36
C ASP A 108 -17.73 -8.62 -22.36
N PRO A 109 -17.39 -7.38 -22.77
CA PRO A 109 -17.28 -6.29 -21.82
C PRO A 109 -18.53 -6.08 -20.95
N ALA A 110 -19.72 -6.39 -21.47
CA ALA A 110 -20.97 -6.28 -20.69
C ALA A 110 -20.90 -7.24 -19.47
N VAL A 111 -20.29 -8.41 -19.66
CA VAL A 111 -20.21 -9.45 -18.61
C VAL A 111 -19.12 -9.07 -17.62
N TYR A 112 -17.99 -8.61 -18.17
CA TYR A 112 -16.85 -8.14 -17.36
C TYR A 112 -17.41 -7.10 -16.38
N LYS A 113 -18.25 -6.19 -16.87
CA LYS A 113 -18.71 -5.00 -16.09
C LYS A 113 -19.70 -5.48 -15.03
N ARG A 114 -20.53 -6.43 -15.41
CA ARG A 114 -21.58 -7.00 -14.54
C ARG A 114 -20.94 -7.67 -13.33
N CYS A 115 -19.78 -8.29 -13.48
CA CYS A 115 -19.07 -9.06 -12.42
C CYS A 115 -18.26 -8.18 -11.46
N LEU A 116 -18.02 -6.90 -11.77
CA LEU A 116 -17.16 -6.00 -10.97
C LEU A 116 -17.74 -5.82 -9.55
N GLY A 117 -16.85 -5.82 -8.57
CA GLY A 117 -17.19 -5.41 -7.19
C GLY A 117 -17.87 -6.55 -6.42
N ARG A 118 -17.79 -7.77 -6.94
CA ARG A 118 -18.41 -8.96 -6.32
C ARG A 118 -17.31 -9.92 -5.95
N GLU A 119 -17.07 -10.12 -4.66
CA GLU A 119 -15.91 -10.85 -4.15
C GLU A 119 -15.98 -12.31 -4.60
N GLU A 120 -17.17 -12.84 -4.87
CA GLU A 120 -17.30 -14.26 -5.29
C GLU A 120 -16.63 -14.45 -6.67
N ASN A 121 -16.37 -13.37 -7.40
CA ASN A 121 -15.69 -13.42 -8.72
C ASN A 121 -14.18 -13.33 -8.60
N PHE A 122 -13.57 -13.39 -7.43
CA PHE A 122 -12.14 -13.12 -7.31
C PHE A 122 -11.33 -14.11 -8.17
N LEU A 123 -11.56 -15.41 -8.00
CA LEU A 123 -10.75 -16.41 -8.78
C LEU A 123 -11.16 -16.39 -10.23
N ASN A 124 -12.42 -16.13 -10.56
CA ASN A 124 -12.90 -15.96 -11.95
C ASN A 124 -12.05 -14.85 -12.60
N TYR A 125 -11.95 -13.70 -11.97
CA TYR A 125 -11.10 -12.59 -12.51
C TYR A 125 -9.62 -13.00 -12.53
N CYS A 126 -9.10 -13.71 -11.55
CA CYS A 126 -7.68 -14.15 -11.56
C CYS A 126 -7.46 -14.91 -12.89
N ARG A 127 -8.38 -15.79 -13.24
CA ARG A 127 -8.25 -16.69 -14.40
C ARG A 127 -8.45 -15.84 -15.67
N PHE A 128 -9.38 -14.93 -15.66
CA PHE A 128 -9.61 -13.99 -16.79
C PHE A 128 -8.31 -13.22 -17.08
N PHE A 129 -7.64 -12.73 -16.05
CA PHE A 129 -6.44 -11.87 -16.23
C PHE A 129 -5.27 -12.76 -16.65
N GLU A 130 -5.14 -13.98 -16.11
CA GLU A 130 -4.14 -14.97 -16.60
C GLU A 130 -4.35 -15.17 -18.09
N ASP A 131 -5.59 -15.39 -18.50
CA ASP A 131 -5.92 -15.67 -19.93
C ASP A 131 -5.56 -14.43 -20.74
N GLU A 132 -5.88 -13.22 -20.27
CA GLU A 132 -5.57 -11.96 -20.99
C GLU A 132 -4.06 -11.79 -21.15
N ILE A 133 -3.29 -12.08 -20.12
CA ILE A 133 -1.81 -11.90 -20.14
C ILE A 133 -1.28 -12.84 -21.23
N ASN A 134 -1.76 -14.08 -21.24
CA ASN A 134 -1.33 -15.06 -22.27
C ASN A 134 -1.82 -14.64 -23.66
N ARG A 135 -3.00 -14.07 -23.80
CA ARG A 135 -3.57 -13.70 -25.10
C ARG A 135 -2.78 -12.51 -25.69
N ILE A 136 -2.65 -11.41 -24.95
CA ILE A 136 -2.09 -10.12 -25.48
C ILE A 136 -0.77 -9.72 -24.81
N GLY A 137 -0.31 -10.40 -23.78
CA GLY A 137 0.94 -10.13 -23.03
C GLY A 137 0.69 -9.11 -21.91
N TYR A 138 1.52 -9.12 -20.86
CA TYR A 138 1.29 -8.29 -19.64
C TYR A 138 1.30 -6.81 -20.01
N GLN A 139 2.10 -6.39 -21.00
CA GLN A 139 2.21 -4.94 -21.29
C GLN A 139 0.89 -4.45 -21.89
N ALA A 140 0.30 -5.21 -22.80
CA ALA A 140 -0.99 -4.81 -23.41
C ALA A 140 -2.12 -4.84 -22.35
N VAL A 141 -1.96 -5.71 -21.37
CA VAL A 141 -2.91 -5.82 -20.22
C VAL A 141 -2.86 -4.52 -19.40
N LEU A 142 -1.67 -3.99 -19.18
CA LEU A 142 -1.50 -2.68 -18.47
C LEU A 142 -2.18 -1.57 -19.26
N GLN A 143 -2.07 -1.58 -20.60
CA GLN A 143 -2.84 -0.61 -21.42
C GLN A 143 -4.34 -0.86 -21.25
N LYS A 144 -4.84 -2.08 -21.52
CA LYS A 144 -6.29 -2.34 -21.71
C LYS A 144 -7.03 -2.20 -20.36
N TYR A 145 -6.34 -2.52 -19.28
CA TYR A 145 -7.00 -2.62 -17.94
C TYR A 145 -6.49 -1.55 -16.98
N LEU A 146 -5.72 -0.55 -17.41
CA LEU A 146 -5.13 0.40 -16.43
C LEU A 146 -4.88 1.79 -17.03
N VAL A 147 -4.19 1.95 -18.18
CA VAL A 147 -3.69 3.30 -18.59
C VAL A 147 -4.15 3.74 -19.99
N ASP A 148 -4.85 2.92 -20.77
CA ASP A 148 -5.14 3.35 -22.17
C ASP A 148 -6.26 4.38 -22.22
N GLY A 149 -6.91 4.71 -21.10
CA GLY A 149 -7.98 5.72 -21.10
C GLY A 149 -9.35 5.28 -21.58
N SER A 150 -9.57 4.00 -21.93
CA SER A 150 -10.90 3.41 -22.14
C SER A 150 -11.70 3.49 -20.85
N GLU A 151 -13.01 3.33 -20.96
CA GLU A 151 -13.93 3.31 -19.80
C GLU A 151 -13.47 2.18 -18.87
N ILE A 152 -13.18 0.99 -19.41
CA ILE A 152 -12.72 -0.17 -18.57
C ILE A 152 -11.37 0.13 -17.89
N ALA A 153 -10.41 0.78 -18.55
CA ALA A 153 -9.09 0.99 -17.95
C ALA A 153 -9.22 2.08 -16.87
N ASP A 154 -10.07 3.07 -17.12
CA ASP A 154 -10.23 4.25 -16.20
C ASP A 154 -10.91 3.75 -14.92
N ASP A 155 -11.90 2.87 -15.08
CA ASP A 155 -12.62 2.19 -13.96
C ASP A 155 -11.60 1.42 -13.11
N MET A 156 -10.76 0.59 -13.73
CA MET A 156 -9.77 -0.21 -13.02
C MET A 156 -8.70 0.68 -12.35
N LEU A 157 -8.31 1.77 -12.99
CA LEU A 157 -7.30 2.69 -12.42
C LEU A 157 -7.78 3.20 -11.05
N CYS A 158 -9.06 3.44 -10.87
CA CYS A 158 -9.57 3.86 -9.52
C CYS A 158 -9.59 2.66 -8.56
N ARG A 159 -9.96 1.51 -9.08
CA ARG A 159 -10.13 0.33 -8.20
C ARG A 159 -8.83 -0.09 -7.58
N ILE A 160 -7.64 0.13 -8.18
CA ILE A 160 -6.37 -0.34 -7.58
C ILE A 160 -6.06 0.39 -6.26
N TYR A 161 -6.78 1.49 -6.01
CA TYR A 161 -6.60 2.29 -4.77
C TYR A 161 -7.63 1.94 -3.69
N MET A 162 -8.70 1.29 -4.08
CA MET A 162 -9.82 0.94 -3.16
C MET A 162 -9.28 0.05 -2.04
N GLY A 163 -9.95 0.06 -0.90
CA GLY A 163 -9.58 -0.85 0.18
C GLY A 163 -8.17 -0.57 0.66
N TYR A 164 -7.80 0.71 0.85
CA TYR A 164 -6.50 1.15 1.38
C TYR A 164 -5.36 0.65 0.46
N VAL A 165 -5.58 0.75 -0.84
CA VAL A 165 -4.55 0.66 -1.93
C VAL A 165 -3.97 -0.76 -2.04
N HIS A 166 -4.66 -1.79 -1.58
CA HIS A 166 -4.06 -3.16 -1.65
C HIS A 166 -3.92 -3.65 -3.10
N GLY A 167 -4.80 -3.24 -4.01
CA GLY A 167 -4.72 -3.53 -5.47
C GLY A 167 -3.38 -3.07 -6.02
N ILE A 168 -3.04 -1.81 -5.85
CA ILE A 168 -1.74 -1.30 -6.35
C ILE A 168 -0.54 -1.90 -5.62
N ILE A 169 -0.64 -2.22 -4.31
CA ILE A 169 0.44 -2.89 -3.57
C ILE A 169 0.68 -4.24 -4.29
N HIS A 170 -0.37 -4.96 -4.54
CA HIS A 170 -0.33 -6.30 -5.19
C HIS A 170 0.31 -6.19 -6.60
N ILE A 171 -0.20 -5.28 -7.41
CA ILE A 171 0.33 -5.02 -8.78
C ILE A 171 1.83 -4.62 -8.72
N GLY A 172 2.23 -3.65 -7.89
CA GLY A 172 3.63 -3.29 -7.66
C GLY A 172 4.50 -4.49 -7.40
N MET A 173 4.04 -5.38 -6.52
CA MET A 173 4.82 -6.53 -6.09
C MET A 173 4.88 -7.54 -7.24
N ALA A 174 3.83 -7.65 -8.05
CA ALA A 174 3.78 -8.63 -9.17
C ALA A 174 4.86 -8.21 -10.19
N LEU A 175 4.97 -6.91 -10.44
CA LEU A 175 5.97 -6.38 -11.41
C LEU A 175 7.36 -6.49 -10.80
N GLU A 176 7.55 -6.11 -9.55
CA GLU A 176 8.86 -6.14 -8.88
C GLU A 176 9.45 -7.54 -8.89
N PHE A 177 8.62 -8.55 -8.64
CA PHE A 177 9.12 -9.93 -8.44
C PHE A 177 8.87 -10.74 -9.70
N LYS A 178 8.30 -10.12 -10.72
CA LYS A 178 8.21 -10.63 -12.12
C LYS A 178 7.32 -11.88 -12.15
N GLN A 179 6.11 -11.76 -11.61
CA GLN A 179 5.16 -12.90 -11.50
C GLN A 179 3.85 -12.58 -12.20
N ALA A 180 3.52 -13.21 -13.32
CA ALA A 180 2.28 -12.95 -14.05
C ALA A 180 1.12 -13.46 -13.17
N ARG A 181 1.38 -14.48 -12.38
CA ARG A 181 0.31 -15.11 -11.55
C ARG A 181 -0.10 -14.11 -10.49
N LEU A 182 0.86 -13.40 -9.93
CA LEU A 182 0.56 -12.33 -8.94
C LEU A 182 0.00 -11.07 -9.61
N LEU A 183 0.38 -10.74 -10.83
CA LEU A 183 -0.25 -9.62 -11.54
C LEU A 183 -1.75 -9.88 -11.76
N ALA A 184 -2.16 -11.09 -12.15
CA ALA A 184 -3.58 -11.45 -12.32
C ALA A 184 -4.32 -11.32 -10.97
N GLU A 185 -3.67 -11.77 -9.90
CA GLU A 185 -4.22 -11.66 -8.52
C GLU A 185 -4.49 -10.17 -8.26
N GLY A 186 -3.55 -9.31 -8.63
CA GLY A 186 -3.68 -7.87 -8.28
C GLY A 186 -4.81 -7.19 -9.02
N PHE A 187 -4.94 -7.43 -10.31
CA PHE A 187 -6.05 -6.92 -11.11
C PHE A 187 -7.37 -7.50 -10.58
N ALA A 188 -7.38 -8.80 -10.28
CA ALA A 188 -8.56 -9.48 -9.71
C ALA A 188 -8.94 -8.86 -8.36
N GLN A 189 -7.97 -8.58 -7.50
CA GLN A 189 -8.24 -7.95 -6.17
C GLN A 189 -8.96 -6.64 -6.43
N ALA A 190 -8.36 -5.82 -7.29
CA ALA A 190 -8.95 -4.51 -7.57
C ALA A 190 -10.35 -4.67 -8.15
N ALA A 191 -10.60 -5.60 -9.10
CA ALA A 191 -11.87 -5.75 -9.77
C ALA A 191 -12.98 -6.04 -8.74
N VAL A 192 -12.67 -6.68 -7.62
CA VAL A 192 -13.78 -7.13 -6.71
C VAL A 192 -14.04 -6.12 -5.61
N HIS A 193 -13.23 -5.06 -5.52
CA HIS A 193 -13.55 -3.92 -4.62
C HIS A 193 -14.71 -3.11 -5.14
N HIS A 194 -15.39 -2.37 -4.23
CA HIS A 194 -16.56 -1.54 -4.57
C HIS A 194 -16.63 -0.34 -3.62
N ASP A 195 -15.48 0.25 -3.33
CA ASP A 195 -15.38 1.52 -2.55
C ASP A 195 -15.52 2.69 -3.52
N TRP A 196 -16.76 3.04 -3.80
CA TRP A 196 -17.18 4.02 -4.84
C TRP A 196 -16.58 5.42 -4.63
N TRP A 197 -16.25 5.79 -3.40
CA TRP A 197 -15.75 7.16 -3.13
C TRP A 197 -14.35 7.42 -3.71
N TYR A 198 -13.54 6.37 -3.93
CA TYR A 198 -12.23 6.46 -4.62
C TYR A 198 -12.51 6.87 -6.06
N THR A 199 -13.46 6.21 -6.70
CA THR A 199 -13.80 6.55 -8.11
C THR A 199 -14.18 8.03 -8.19
N GLU A 200 -15.09 8.49 -7.34
CA GLU A 200 -15.59 9.89 -7.37
C GLU A 200 -14.43 10.86 -7.09
N TYR A 201 -13.70 10.63 -6.01
CA TYR A 201 -12.56 11.49 -5.59
C TYR A 201 -11.52 11.58 -6.68
N LEU A 202 -11.10 10.45 -7.25
CA LEU A 202 -9.94 10.49 -8.16
C LEU A 202 -10.40 11.06 -9.49
N THR A 203 -11.65 10.79 -9.85
CA THR A 203 -12.16 11.29 -11.16
CA THR A 203 -12.17 11.28 -11.16
C THR A 203 -12.36 12.80 -11.08
N GLN A 204 -13.02 13.27 -10.02
CA GLN A 204 -13.28 14.72 -9.81
C GLN A 204 -11.96 15.46 -9.63
N SER A 205 -10.96 14.88 -8.96
CA SER A 205 -9.65 15.55 -8.72
C SER A 205 -8.92 15.73 -10.06
N GLU A 206 -8.93 14.67 -10.88
CA GLU A 206 -8.32 14.70 -12.22
C GLU A 206 -9.00 15.76 -13.10
N GLU A 207 -10.33 15.86 -13.07
CA GLU A 207 -11.08 16.85 -13.88
C GLU A 207 -10.58 18.21 -13.43
N LEU A 208 -10.52 18.43 -12.11
CA LEU A 208 -10.17 19.78 -11.60
C LEU A 208 -8.71 20.11 -11.98
N ALA A 209 -7.80 19.15 -11.90
CA ALA A 209 -6.38 19.30 -12.21
C ALA A 209 -6.22 19.76 -13.68
N ARG A 210 -7.14 19.37 -14.57
CA ARG A 210 -7.03 19.75 -16.01
C ARG A 210 -7.08 21.27 -16.13
N LYS A 211 -7.86 21.94 -15.28
CA LYS A 211 -8.02 23.42 -15.27
C LYS A 211 -6.71 24.13 -14.88
N GLN A 212 -5.78 23.47 -14.20
CA GLN A 212 -4.46 24.02 -13.80
C GLN A 212 -4.63 25.42 -13.17
N GLU A 213 -5.54 25.58 -12.22
CA GLU A 213 -5.89 26.89 -11.59
C GLU A 213 -4.73 27.40 -10.74
N GLU A 214 -3.99 26.53 -10.03
CA GLU A 214 -2.89 26.95 -9.16
C GLU A 214 -1.67 26.14 -9.52
N PRO A 215 -0.45 26.67 -9.31
CA PRO A 215 0.77 25.95 -9.66
C PRO A 215 0.92 24.56 -9.04
N ALA A 216 1.53 23.68 -9.83
CA ALA A 216 1.85 22.32 -9.38
C ALA A 216 2.89 22.42 -8.28
N LEU A 217 2.77 21.52 -7.30
CA LEU A 217 3.69 21.40 -6.16
C LEU A 217 4.12 19.95 -5.99
N PRO A 218 5.33 19.74 -5.43
CA PRO A 218 5.79 18.44 -4.99
C PRO A 218 4.78 17.95 -3.93
N LEU A 219 4.64 16.64 -3.80
CA LEU A 219 3.73 16.06 -2.78
C LEU A 219 4.06 16.58 -1.36
N SER A 220 5.33 16.65 -0.93
CA SER A 220 5.75 17.13 0.41
C SER A 220 5.09 18.50 0.67
N ASP A 221 5.08 19.40 -0.32
CA ASP A 221 4.51 20.75 -0.09
C ASP A 221 3.00 20.67 0.03
N LEU A 222 2.37 19.73 -0.67
CA LEU A 222 0.89 19.59 -0.63
C LEU A 222 0.44 18.92 0.70
N ILE A 223 1.25 18.02 1.24
CA ILE A 223 1.04 17.45 2.61
C ILE A 223 1.00 18.64 3.59
N ASP A 224 1.94 19.56 3.46
CA ASP A 224 2.02 20.76 4.36
C ASP A 224 0.82 21.69 4.10
N LEU A 225 0.41 21.88 2.84
CA LEU A 225 -0.73 22.76 2.51
C LEU A 225 -2.04 22.21 3.11
N ALA A 226 -2.25 20.90 3.07
CA ALA A 226 -3.42 20.23 3.69
C ALA A 226 -3.56 20.65 5.17
N ARG A 227 -2.49 20.67 5.94
CA ARG A 227 -2.56 21.01 7.40
CA ARG A 227 -2.53 21.02 7.40
C ARG A 227 -2.97 22.47 7.63
N GLN A 228 -2.69 23.35 6.69
CA GLN A 228 -2.88 24.82 6.86
C GLN A 228 -4.37 25.11 6.67
N ASP A 229 -5.11 24.16 6.10
CA ASP A 229 -6.51 24.37 5.70
C ASP A 229 -7.40 24.08 6.90
N ASP A 230 -8.19 25.06 7.36
CA ASP A 230 -9.13 24.84 8.49
C ASP A 230 -10.04 23.63 8.23
N ALA A 231 -10.65 23.50 7.06
CA ALA A 231 -11.59 22.38 6.84
C ALA A 231 -10.83 21.05 6.80
N ILE A 232 -9.67 21.00 6.17
CA ILE A 232 -8.99 19.68 6.04
C ILE A 232 -8.48 19.25 7.41
N ARG A 233 -7.87 20.16 8.15
CA ARG A 233 -7.21 19.76 9.43
C ARG A 233 -8.25 19.32 10.46
N ASN A 234 -9.51 19.71 10.30
CA ASN A 234 -10.60 19.39 11.26
C ASN A 234 -11.60 18.39 10.69
N CYS A 235 -11.36 17.82 9.51
CA CYS A 235 -12.42 17.06 8.79
C CYS A 235 -12.63 15.67 9.39
N SER A 236 -11.70 15.18 10.19
CA SER A 236 -11.81 13.78 10.69
C SER A 236 -11.89 13.79 12.22
N THR A 237 -11.79 12.62 12.82
CA THR A 237 -11.87 12.43 14.28
C THR A 237 -11.21 11.11 14.69
N LEU A 238 -10.73 11.03 15.92
CA LEU A 238 -10.21 9.75 16.44
C LEU A 238 -11.34 8.74 16.56
N TYR A 239 -12.58 9.23 16.61
CA TYR A 239 -13.73 8.35 16.83
C TYR A 239 -13.83 7.24 15.78
N TYR A 240 -13.33 7.47 14.55
CA TYR A 240 -13.38 6.39 13.52
C TYR A 240 -12.63 5.19 14.06
N HIS A 241 -11.60 5.37 14.90
CA HIS A 241 -10.83 4.20 15.43
C HIS A 241 -11.41 3.70 16.77
N LEU A 242 -12.44 4.35 17.32
CA LEU A 242 -13.01 4.00 18.67
C LEU A 242 -14.47 3.56 18.52
N GLN A 243 -15.05 3.57 17.33
CA GLN A 243 -16.50 3.26 17.19
C GLN A 243 -16.68 1.77 17.52
N LYS A 244 -17.74 1.47 18.25
CA LYS A 244 -18.09 0.08 18.63
C LYS A 244 -19.50 -0.27 18.18
N ARG A 245 -19.75 -1.54 17.99
CA ARG A 245 -21.10 -2.06 17.69
CA ARG A 245 -21.11 -2.04 17.67
C ARG A 245 -21.98 -1.85 18.94
N LYS A 246 -23.19 -1.34 18.73
CA LYS A 246 -24.13 -1.04 19.86
C LYS A 246 -24.37 -2.28 20.71
N VAL A 247 -24.60 -3.45 20.15
CA VAL A 247 -25.04 -4.62 20.96
C VAL A 247 -23.80 -5.21 21.66
N THR A 248 -22.76 -5.54 20.89
CA THR A 248 -21.69 -6.46 21.37
C THR A 248 -20.48 -5.68 21.88
N GLY A 249 -20.34 -4.42 21.49
CA GLY A 249 -19.15 -3.62 21.83
C GLY A 249 -17.94 -3.96 20.98
N GLU A 250 -18.10 -4.80 19.93
CA GLU A 250 -17.01 -5.17 18.99
C GLU A 250 -16.57 -3.95 18.18
N MET A 251 -15.28 -3.90 17.88
CA MET A 251 -14.70 -2.88 16.98
C MET A 251 -15.45 -2.96 15.65
N CYS A 252 -15.70 -1.84 15.00
CA CYS A 252 -16.26 -1.84 13.63
C CYS A 252 -15.74 -0.58 12.93
N LEU A 253 -15.80 -0.54 11.58
CA LEU A 253 -15.54 0.66 10.79
C LEU A 253 -16.81 0.89 9.99
N ASP A 254 -17.94 0.94 10.68
CA ASP A 254 -19.24 1.20 10.03
C ASP A 254 -19.27 2.62 9.46
N LEU A 255 -18.63 3.57 10.12
CA LEU A 255 -18.23 4.88 9.57
C LEU A 255 -16.79 4.77 9.08
N GLU A 256 -16.53 5.34 7.92
CA GLU A 256 -15.20 5.20 7.25
C GLU A 256 -14.61 6.60 7.10
N PRO A 257 -13.36 6.84 7.52
CA PRO A 257 -12.81 8.19 7.58
C PRO A 257 -12.93 8.97 6.27
N ALA A 258 -12.59 8.34 5.14
CA ALA A 258 -12.61 9.05 3.86
C ALA A 258 -14.04 9.38 3.43
N ARG A 259 -14.93 8.38 3.40
CA ARG A 259 -16.31 8.53 2.93
C ARG A 259 -17.07 9.48 3.88
N ASP A 260 -16.91 9.30 5.19
CA ASP A 260 -17.87 9.94 6.16
C ASP A 260 -17.26 11.19 6.78
N GLY A 261 -15.93 11.34 6.72
CA GLY A 261 -15.20 12.47 7.31
C GLY A 261 -14.64 13.38 6.25
N VAL A 262 -13.57 12.94 5.59
CA VAL A 262 -12.75 13.80 4.71
C VAL A 262 -13.65 14.32 3.58
N LEU A 263 -14.28 13.40 2.85
CA LEU A 263 -15.00 13.82 1.62
C LEU A 263 -16.32 14.48 1.98
N LYS A 264 -16.89 14.18 3.15
CA LYS A 264 -18.15 14.81 3.59
C LYS A 264 -17.85 16.24 4.06
N ASN A 265 -16.75 16.47 4.78
CA ASN A 265 -16.55 17.74 5.52
C ASN A 265 -15.60 18.66 4.77
N ALA A 266 -14.71 18.13 3.93
CA ALA A 266 -13.65 18.93 3.29
C ALA A 266 -13.38 18.43 1.85
N GLY A 267 -14.42 17.98 1.16
CA GLY A 267 -14.31 17.55 -0.25
C GLY A 267 -13.71 18.63 -1.15
N PRO A 268 -14.38 19.80 -1.30
CA PRO A 268 -13.82 20.86 -2.15
C PRO A 268 -12.40 21.28 -1.75
N GLU A 269 -12.13 21.42 -0.44
CA GLU A 269 -10.80 21.88 -0.01
C GLU A 269 -9.74 20.84 -0.34
N LEU A 270 -10.04 19.56 -0.14
CA LEU A 270 -9.04 18.52 -0.45
C LEU A 270 -8.88 18.42 -1.97
N ARG A 271 -9.96 18.42 -2.72
CA ARG A 271 -9.87 18.34 -4.21
C ARG A 271 -9.00 19.50 -4.74
N ARG A 272 -9.09 20.69 -4.14
CA ARG A 272 -8.28 21.86 -4.55
C ARG A 272 -6.79 21.55 -4.34
N VAL A 273 -6.41 20.93 -3.21
CA VAL A 273 -5.00 20.55 -2.96
C VAL A 273 -4.60 19.46 -3.96
N ALA A 274 -5.47 18.44 -4.10
CA ALA A 274 -5.19 17.26 -4.95
C ALA A 274 -4.89 17.69 -6.39
N ALA A 275 -5.69 18.65 -6.85
CA ALA A 275 -5.60 19.25 -8.21
C ALA A 275 -4.21 19.86 -8.47
N ARG A 276 -3.43 20.21 -7.43
CA ARG A 276 -2.06 20.77 -7.59
C ARG A 276 -1.00 19.67 -7.67
N TYR A 277 -1.32 18.40 -7.45
CA TYR A 277 -0.32 17.32 -7.60
C TYR A 277 -0.39 16.89 -9.07
N ARG A 278 0.35 17.64 -9.88
CA ARG A 278 0.52 17.44 -11.36
C ARG A 278 2.00 17.15 -11.55
N VAL A 279 2.31 16.03 -12.18
CA VAL A 279 3.68 15.49 -12.26
C VAL A 279 4.23 15.79 -13.67
N ASP A 280 5.50 16.12 -13.74
CA ASP A 280 6.09 16.48 -15.06
CA ASP A 280 6.21 16.49 -15.01
C ASP A 280 6.55 15.19 -15.73
N PRO A 281 5.95 14.84 -16.90
CA PRO A 281 6.35 13.64 -17.62
C PRO A 281 7.81 13.63 -18.10
N ASN A 282 8.48 14.80 -18.08
CA ASN A 282 9.91 14.93 -18.45
C ASN A 282 10.83 14.87 -17.21
N ASP A 283 10.31 14.63 -16.00
CA ASP A 283 11.14 14.63 -14.76
C ASP A 283 10.69 13.46 -13.87
N LEU A 284 10.51 12.26 -14.43
CA LEU A 284 9.84 11.17 -13.68
C LEU A 284 10.80 10.51 -12.70
N GLU A 285 12.11 10.44 -12.93
CA GLU A 285 13.00 9.76 -11.95
C GLU A 285 12.91 10.55 -10.63
N ARG A 286 13.03 11.87 -10.73
CA ARG A 286 12.96 12.70 -9.50
C ARG A 286 11.52 12.69 -8.95
N ALA A 287 10.48 12.89 -9.75
CA ALA A 287 9.06 12.93 -9.30
C ALA A 287 8.70 11.61 -8.60
N THR A 288 9.24 10.48 -9.04
CA THR A 288 8.94 9.16 -8.43
C THR A 288 9.61 9.07 -7.05
N ALA A 289 10.87 9.48 -6.98
CA ALA A 289 11.65 9.50 -5.75
C ALA A 289 10.96 10.48 -4.81
N GLU A 290 10.42 11.57 -5.35
CA GLU A 290 9.84 12.66 -4.50
C GLU A 290 8.58 12.10 -3.81
N LEU A 291 7.76 11.31 -4.52
CA LEU A 291 6.53 10.68 -3.96
C LEU A 291 6.92 9.68 -2.89
N GLN A 292 7.94 8.86 -3.12
CA GLN A 292 8.48 7.90 -2.13
C GLN A 292 8.98 8.62 -0.87
N ASN A 293 9.71 9.72 -1.04
CA ASN A 293 10.23 10.51 0.09
C ASN A 293 9.05 11.10 0.89
N ALA A 294 8.02 11.61 0.21
CA ALA A 294 6.85 12.33 0.79
C ALA A 294 6.08 11.28 1.62
N ALA A 295 6.03 10.02 1.17
CA ALA A 295 5.32 8.95 1.92
C ALA A 295 6.05 8.70 3.24
N VAL A 296 7.40 8.72 3.24
CA VAL A 296 8.20 8.51 4.46
C VAL A 296 8.04 9.75 5.35
N TYR A 297 7.99 10.92 4.73
CA TYR A 297 7.81 12.20 5.46
C TYR A 297 6.51 12.16 6.26
N LEU A 298 5.41 11.82 5.63
CA LEU A 298 4.09 11.98 6.29
C LEU A 298 3.90 10.84 7.31
N THR A 299 4.52 9.69 7.06
CA THR A 299 4.37 8.47 7.89
C THR A 299 5.37 8.47 9.05
N ALA A 300 6.68 8.37 8.79
CA ALA A 300 7.73 8.40 9.80
C ALA A 300 7.70 9.74 10.56
N GLY A 301 7.28 10.81 9.91
CA GLY A 301 7.17 12.13 10.56
C GLY A 301 6.05 12.23 11.62
N ALA A 302 5.06 11.35 11.58
CA ALA A 302 3.80 11.45 12.37
C ALA A 302 4.09 11.02 13.84
N GLN A 303 5.01 11.71 14.48
CA GLN A 303 5.55 11.46 15.85
C GLN A 303 5.08 12.55 16.82
N ARG A 304 5.11 12.22 18.11
CA ARG A 304 4.54 13.09 19.16
C ARG A 304 5.38 12.99 20.43
N PRO A 305 6.29 13.96 20.68
CA PRO A 305 6.94 14.09 21.97
C PRO A 305 5.84 14.14 23.03
N PRO A 306 5.99 13.50 24.22
CA PRO A 306 7.20 12.76 24.61
C PRO A 306 7.20 11.24 24.42
N HIS A 307 6.34 10.73 23.55
CA HIS A 307 6.11 9.28 23.39
C HIS A 307 7.24 8.60 22.61
N ILE A 308 7.33 7.28 22.68
CA ILE A 308 8.20 6.51 21.76
C ILE A 308 7.72 6.74 20.33
N CYS A 309 8.61 6.52 19.37
CA CYS A 309 8.23 6.49 17.94
C CYS A 309 7.26 5.34 17.69
N ALA A 310 6.16 5.63 17.01
CA ALA A 310 5.15 4.66 16.59
C ALA A 310 4.74 5.02 15.17
N PHE A 311 4.31 4.02 14.41
CA PHE A 311 3.91 4.13 13.00
C PHE A 311 2.42 3.90 12.89
N ASP A 312 1.80 4.70 12.06
CA ASP A 312 0.33 4.73 11.91
C ASP A 312 -0.08 3.69 10.87
N PHE A 313 -0.97 2.79 11.28
CA PHE A 313 -1.38 1.62 10.46
C PHE A 313 -1.92 2.08 9.11
N PHE A 314 -2.71 3.15 9.09
CA PHE A 314 -3.33 3.62 7.82
C PHE A 314 -2.28 4.41 7.04
N LEU A 315 -1.48 5.23 7.69
CA LEU A 315 -0.56 6.08 6.90
C LEU A 315 0.52 5.19 6.28
N LEU A 316 0.91 4.07 6.92
CA LEU A 316 2.06 3.30 6.37
C LEU A 316 1.71 2.64 5.03
N HIS A 317 0.45 2.51 4.66
CA HIS A 317 0.06 2.01 3.33
C HIS A 317 0.58 3.01 2.27
N SER A 318 0.91 4.26 2.62
CA SER A 318 1.53 5.20 1.65
C SER A 318 2.95 4.69 1.31
N VAL A 319 3.72 4.40 2.30
CA VAL A 319 5.11 3.86 2.14
C VAL A 319 5.03 2.54 1.37
N THR A 320 4.18 1.61 1.79
CA THR A 320 4.22 0.25 1.18
C THR A 320 3.72 0.29 -0.26
N SER A 321 2.78 1.14 -0.63
CA SER A 321 2.24 1.25 -2.01
C SER A 321 3.29 1.93 -2.90
N SER A 322 4.12 2.81 -2.34
CA SER A 322 4.97 3.79 -3.09
C SER A 322 6.04 3.06 -3.92
N ILE A 323 6.51 1.90 -3.44
CA ILE A 323 7.57 1.09 -4.13
C ILE A 323 7.14 0.77 -5.59
N GLY A 324 5.90 0.48 -5.86
CA GLY A 324 5.43 0.00 -7.18
C GLY A 324 5.76 1.02 -8.26
N HIS A 325 5.84 2.31 -7.91
CA HIS A 325 6.18 3.37 -8.91
C HIS A 325 7.64 3.20 -9.39
N THR A 326 8.54 2.57 -8.65
CA THR A 326 9.90 2.30 -9.19
C THR A 326 9.70 1.32 -10.38
N MET A 327 8.81 0.34 -10.26
CA MET A 327 8.56 -0.61 -11.40
C MET A 327 7.83 0.04 -12.57
N PHE A 328 6.84 0.91 -12.32
CA PHE A 328 6.11 1.63 -13.37
C PHE A 328 7.10 2.49 -14.14
N LEU A 329 8.07 3.04 -13.41
CA LEU A 329 9.08 3.95 -14.00
C LEU A 329 9.94 3.12 -14.95
N ALA A 330 10.31 1.91 -14.51
CA ALA A 330 11.24 1.02 -15.23
C ALA A 330 10.54 0.32 -16.41
N GLU A 331 9.22 0.47 -16.58
CA GLU A 331 8.42 -0.26 -17.59
C GLU A 331 8.50 0.48 -18.91
N PRO A 332 9.16 -0.10 -19.96
CA PRO A 332 9.25 0.59 -21.26
C PRO A 332 7.91 0.75 -21.98
N SER A 333 6.88 -0.06 -21.67
CA SER A 333 5.65 -0.11 -22.47
C SER A 333 4.69 1.00 -22.07
N LEU A 334 4.98 1.66 -20.95
CA LEU A 334 4.13 2.77 -20.47
C LEU A 334 4.72 4.07 -21.01
N SER A 335 3.87 4.95 -21.50
CA SER A 335 4.30 6.31 -21.90
C SER A 335 4.67 7.13 -20.66
N ASN A 336 5.45 8.18 -20.87
CA ASN A 336 5.78 9.09 -19.76
C ASN A 336 4.49 9.66 -19.18
N ALA A 337 3.53 10.00 -20.04
CA ALA A 337 2.22 10.58 -19.67
C ALA A 337 1.45 9.57 -18.80
N GLN A 338 1.47 8.28 -19.16
CA GLN A 338 0.82 7.21 -18.35
C GLN A 338 1.51 7.10 -16.98
N LYS A 339 2.83 7.12 -16.94
CA LYS A 339 3.60 6.94 -15.69
C LYS A 339 3.31 8.14 -14.77
N ALA A 340 3.19 9.34 -15.32
CA ALA A 340 2.89 10.57 -14.52
C ALA A 340 1.49 10.45 -13.91
N ARG A 341 0.53 9.98 -14.70
CA ARG A 341 -0.89 9.89 -14.31
C ARG A 341 -0.99 8.89 -13.14
N LEU A 342 -0.29 7.75 -13.21
CA LEU A 342 -0.18 6.78 -12.08
C LEU A 342 0.37 7.50 -10.82
N LEU A 343 1.48 8.23 -10.90
CA LEU A 343 2.00 8.95 -9.70
C LEU A 343 0.93 9.90 -9.19
N GLU A 344 0.25 10.65 -10.06
CA GLU A 344 -0.80 11.64 -9.65
C GLU A 344 -1.87 10.95 -8.82
N TYR A 345 -2.45 9.84 -9.30
CA TYR A 345 -3.51 9.11 -8.59
C TYR A 345 -2.96 8.73 -7.22
N THR A 346 -1.79 8.14 -7.15
CA THR A 346 -1.22 7.60 -5.90
C THR A 346 -1.07 8.77 -4.90
N GLY A 347 -0.46 9.87 -5.33
CA GLY A 347 -0.22 10.99 -4.41
C GLY A 347 -1.52 11.58 -3.95
N ARG A 348 -2.53 11.63 -4.78
CA ARG A 348 -3.86 12.16 -4.35
C ARG A 348 -4.44 11.24 -3.27
N VAL A 349 -4.22 9.94 -3.39
CA VAL A 349 -4.76 9.00 -2.35
C VAL A 349 -3.99 9.20 -1.06
N PHE A 350 -2.69 9.48 -1.11
CA PHE A 350 -1.87 9.74 0.09
C PHE A 350 -2.46 10.97 0.82
N LEU A 351 -2.90 11.99 0.08
CA LEU A 351 -3.51 13.19 0.71
C LEU A 351 -4.81 12.79 1.40
N LEU A 352 -5.66 11.99 0.77
CA LEU A 352 -6.96 11.53 1.33
C LEU A 352 -6.70 10.78 2.64
N SER A 353 -5.76 9.83 2.61
CA SER A 353 -5.40 8.97 3.77
C SER A 353 -4.87 9.84 4.90
N TYR A 354 -4.01 10.77 4.56
CA TYR A 354 -3.36 11.67 5.52
C TYR A 354 -4.39 12.53 6.28
N ALA A 355 -5.33 13.11 5.54
CA ALA A 355 -6.40 13.93 6.12
C ALA A 355 -7.26 13.06 7.03
N GLY A 356 -7.54 11.82 6.66
CA GLY A 356 -8.36 10.87 7.44
C GLY A 356 -7.76 10.60 8.80
N GLN A 357 -6.44 10.64 8.94
CA GLN A 357 -5.76 10.34 10.22
C GLN A 357 -5.47 11.61 11.03
N GLY A 358 -6.10 12.74 10.69
CA GLY A 358 -5.89 13.99 11.45
C GLY A 358 -4.75 14.85 10.92
N SER A 359 -4.19 14.56 9.74
CA SER A 359 -3.10 15.40 9.17
C SER A 359 -1.99 15.71 10.19
N PRO A 360 -1.38 14.67 10.83
CA PRO A 360 -0.34 14.88 11.81
C PRO A 360 0.80 15.77 11.31
N GLU A 361 1.16 16.77 12.11
CA GLU A 361 2.27 17.70 11.80
C GLU A 361 3.58 16.94 11.96
N PRO A 362 4.42 16.86 10.91
CA PRO A 362 5.67 16.10 10.98
C PRO A 362 6.60 16.63 12.07
N ARG A 363 7.19 15.71 12.81
CA ARG A 363 8.20 16.00 13.86
C ARG A 363 9.43 15.16 13.54
N LEU A 364 10.13 15.54 12.48
CA LEU A 364 11.34 14.79 12.06
C LEU A 364 12.42 14.99 13.13
N ASP A 365 12.34 16.06 13.92
CA ASP A 365 13.31 16.33 15.00
C ASP A 365 13.21 15.20 16.02
N TRP A 366 11.97 14.81 16.33
CA TRP A 366 11.69 13.79 17.37
C TRP A 366 12.06 12.41 16.81
N LEU A 367 11.67 12.14 15.58
CA LEU A 367 12.05 10.88 14.89
C LEU A 367 13.58 10.76 14.90
N ALA A 368 14.31 11.83 14.60
CA ALA A 368 15.78 11.76 14.41
C ALA A 368 16.47 11.37 15.71
N SER A 369 15.93 11.75 16.88
CA SER A 369 16.55 11.50 18.19
C SER A 369 16.15 10.11 18.72
N HIS A 370 15.51 9.27 17.93
CA HIS A 370 15.08 7.91 18.38
C HIS A 370 16.29 7.19 18.94
N PRO A 371 16.25 6.71 20.21
CA PRO A 371 17.35 5.92 20.77
C PRO A 371 17.24 4.45 20.32
N SER A 372 18.26 3.89 19.66
CA SER A 372 18.22 2.48 19.18
C SER A 372 18.13 1.53 20.38
N ARG A 373 17.17 0.62 20.38
CA ARG A 373 17.02 -0.38 21.46
C ARG A 373 18.35 -1.16 21.49
N LEU A 374 18.80 -1.61 20.33
CA LEU A 374 19.99 -2.51 20.20
C LEU A 374 21.15 -1.71 19.60
N PRO A 375 22.41 -2.01 20.00
CA PRO A 375 23.57 -1.41 19.33
C PRO A 375 23.83 -1.87 17.90
N ASN A 376 24.52 -1.03 17.11
CA ASN A 376 25.16 -1.38 15.82
C ASN A 376 24.15 -1.94 14.83
N GLN A 377 22.99 -1.27 14.71
CA GLN A 377 21.92 -1.69 13.79
C GLN A 377 22.09 -0.94 12.46
N GLY A 378 22.34 -1.67 11.38
CA GLY A 378 22.18 -1.21 10.00
C GLY A 378 20.99 -1.90 9.34
N TRP A 379 20.75 -1.63 8.06
CA TRP A 379 19.63 -2.23 7.32
C TRP A 379 19.68 -3.75 7.41
N ASP A 380 20.85 -4.37 7.25
CA ASP A 380 20.91 -5.85 7.26
C ASP A 380 20.43 -6.39 8.60
N GLU A 381 20.76 -5.72 9.72
CA GLU A 381 20.33 -6.12 11.08
C GLU A 381 18.81 -5.94 11.18
N VAL A 382 18.33 -4.82 10.67
CA VAL A 382 16.89 -4.47 10.82
C VAL A 382 16.12 -5.47 9.97
N PHE A 383 16.57 -5.74 8.75
CA PHE A 383 15.92 -6.70 7.82
C PHE A 383 15.75 -8.04 8.54
N ASP A 384 16.81 -8.50 9.20
CA ASP A 384 16.79 -9.85 9.82
C ASP A 384 15.76 -9.90 10.95
N ARG A 385 15.72 -8.87 11.79
CA ARG A 385 14.71 -8.70 12.86
C ARG A 385 13.32 -8.65 12.23
N ALA A 386 13.13 -7.97 11.10
CA ALA A 386 11.78 -7.85 10.49
C ALA A 386 11.27 -9.25 10.10
N CYS A 387 12.18 -10.19 9.77
CA CYS A 387 11.80 -11.56 9.34
C CYS A 387 11.05 -12.27 10.46
N TYR A 388 11.36 -11.99 11.72
CA TYR A 388 10.87 -12.74 12.90
C TYR A 388 9.67 -12.00 13.51
N HIS A 389 9.36 -10.80 13.02
CA HIS A 389 8.30 -9.99 13.66
C HIS A 389 6.95 -10.64 13.34
N GLU A 390 6.19 -10.98 14.39
CA GLU A 390 5.02 -11.89 14.16
C GLU A 390 3.75 -11.09 13.91
N ASP A 391 3.69 -10.34 12.82
CA ASP A 391 2.40 -9.77 12.32
C ASP A 391 2.01 -10.43 10.98
N ASP A 392 1.29 -9.71 10.14
CA ASP A 392 0.75 -10.19 8.85
C ASP A 392 1.52 -9.60 7.69
N GLY A 393 2.62 -8.93 8.02
CA GLY A 393 3.57 -8.39 7.00
C GLY A 393 3.74 -6.88 7.05
N HIS A 394 2.86 -6.13 7.69
CA HIS A 394 2.95 -4.65 7.55
C HIS A 394 4.33 -4.15 8.05
N MET A 395 4.88 -4.63 9.15
CA MET A 395 6.15 -4.12 9.75
C MET A 395 7.27 -4.33 8.70
N CYS A 396 7.37 -5.53 8.15
CA CYS A 396 8.49 -5.85 7.21
C CYS A 396 8.34 -5.09 5.90
N LEU A 398 6.81 -2.09 5.52
CA LEU A 398 7.15 -0.73 5.89
C LEU A 398 8.68 -0.58 5.87
N ILE A 399 9.40 -1.48 6.54
CA ILE A 399 10.88 -1.40 6.69
C ILE A 399 11.52 -1.56 5.30
N ARG A 400 11.09 -2.54 4.49
CA ARG A 400 11.72 -2.76 3.14
C ARG A 400 11.47 -1.55 2.22
N CYS A 401 10.28 -0.95 2.26
CA CYS A 401 9.91 0.16 1.34
C CYS A 401 10.60 1.45 1.82
N MET A 402 10.81 1.67 3.11
CA MET A 402 11.61 2.83 3.61
C MET A 402 13.08 2.66 3.14
N ALA A 403 13.62 1.45 3.18
CA ALA A 403 15.01 1.18 2.74
C ALA A 403 15.12 1.46 1.23
N HIS A 404 14.10 1.15 0.46
CA HIS A 404 14.06 1.44 -0.98
C HIS A 404 14.02 2.95 -1.18
N ALA A 405 13.19 3.63 -0.40
CA ALA A 405 13.06 5.10 -0.55
C ALA A 405 14.40 5.79 -0.27
N GLU A 406 15.16 5.36 0.73
CA GLU A 406 16.50 5.92 1.05
C GLU A 406 17.35 5.87 -0.22
N GLU A 407 17.32 4.73 -0.92
CA GLU A 407 18.15 4.55 -2.15
C GLU A 407 17.62 5.46 -3.26
N THR A 408 16.31 5.58 -3.48
CA THR A 408 15.78 6.38 -4.60
C THR A 408 15.94 7.89 -4.30
N SER A 409 16.00 8.26 -3.02
CA SER A 409 16.20 9.67 -2.59
C SER A 409 17.68 10.08 -2.70
N ARG A 410 18.63 9.16 -2.78
CA ARG A 410 20.06 9.51 -2.55
C ARG A 410 20.51 10.55 -3.56
N PRO A 411 20.18 10.41 -4.87
CA PRO A 411 20.53 11.42 -5.87
C PRO A 411 20.00 12.84 -5.62
N TYR A 412 18.97 12.97 -4.76
CA TYR A 412 18.16 14.19 -4.62
C TYR A 412 18.28 14.71 -3.17
N ASP A 413 19.19 14.19 -2.36
CA ASP A 413 19.28 14.48 -0.91
C ASP A 413 19.42 15.99 -0.66
N HIS A 414 20.09 16.70 -1.56
CA HIS A 414 20.35 18.17 -1.46
C HIS A 414 19.13 19.01 -1.85
N LEU A 415 18.05 18.45 -2.41
CA LEU A 415 16.88 19.24 -2.87
C LEU A 415 15.85 19.46 -1.75
N PRO A 416 15.31 20.69 -1.61
CA PRO A 416 14.40 21.04 -0.52
C PRO A 416 13.09 20.26 -0.47
N GLU A 417 12.53 19.84 -1.61
CA GLU A 417 11.22 19.14 -1.67
C GLU A 417 11.36 17.70 -1.11
N PHE A 418 12.58 17.19 -0.97
CA PHE A 418 12.91 15.91 -0.28
C PHE A 418 13.14 16.20 1.20
N ARG A 419 12.10 16.04 2.01
CA ARG A 419 12.14 16.42 3.45
CA ARG A 419 12.11 16.41 3.46
C ARG A 419 12.98 15.43 4.25
N VAL A 420 12.96 14.14 3.87
CA VAL A 420 13.65 13.10 4.64
C VAL A 420 15.05 12.97 4.06
N LYS A 421 16.05 13.33 4.83
CA LYS A 421 17.46 13.26 4.40
C LYS A 421 18.05 11.88 4.74
N GLN A 422 19.21 11.56 4.18
CA GLN A 422 19.66 10.16 4.04
C GLN A 422 19.78 9.40 5.37
N GLY A 423 20.35 10.01 6.40
CA GLY A 423 20.55 9.30 7.68
C GLY A 423 19.22 8.97 8.34
N LEU A 424 18.15 9.66 7.99
CA LEU A 424 16.90 9.54 8.79
C LEU A 424 16.15 8.27 8.39
N PHE A 425 16.35 7.74 7.18
CA PHE A 425 15.63 6.53 6.72
C PHE A 425 16.00 5.35 7.60
N LEU A 426 17.30 5.10 7.84
CA LEU A 426 17.66 3.98 8.73
C LEU A 426 17.14 4.26 10.15
N THR A 427 17.21 5.48 10.65
CA THR A 427 16.64 5.86 11.97
C THR A 427 15.14 5.47 12.00
N ALA A 428 14.40 5.77 10.93
CA ALA A 428 12.96 5.45 10.83
C ALA A 428 12.81 3.92 10.89
N GLY A 429 13.71 3.19 10.23
CA GLY A 429 13.61 1.72 10.17
C GLY A 429 13.82 1.09 11.54
N ILE A 430 14.79 1.59 12.29
CA ILE A 430 15.10 1.20 13.68
C ILE A 430 13.90 1.56 14.56
N ALA A 431 13.34 2.76 14.38
CA ALA A 431 12.18 3.22 15.15
C ALA A 431 11.01 2.23 14.91
N ALA A 432 10.80 1.79 13.67
CA ALA A 432 9.72 0.87 13.30
C ALA A 432 9.90 -0.48 13.99
N ILE A 433 11.05 -1.13 13.79
CA ILE A 433 11.26 -2.47 14.42
C ILE A 433 11.28 -2.36 15.94
N ASP A 434 11.82 -1.29 16.53
CA ASP A 434 11.89 -1.03 17.98
C ASP A 434 10.49 -0.84 18.57
N SER A 435 9.51 -0.37 17.79
CA SER A 435 8.11 -0.23 18.27
C SER A 435 7.47 -1.63 18.37
N GLY A 436 8.04 -2.63 17.68
CA GLY A 436 7.46 -4.00 17.66
C GLY A 436 7.47 -4.67 19.03
N THR A 437 6.46 -5.50 19.31
CA THR A 437 6.35 -6.22 20.62
C THR A 437 6.49 -7.72 20.34
N ASP A 438 6.43 -8.53 21.40
CA ASP A 438 6.40 -10.01 21.33
C ASP A 438 5.04 -10.55 20.88
N LYS A 439 3.96 -9.76 20.94
CA LYS A 439 2.63 -10.21 20.48
C LYS A 439 1.98 -9.04 19.76
N PRO A 440 2.43 -8.79 18.52
CA PRO A 440 1.90 -7.69 17.71
C PRO A 440 0.44 -7.84 17.25
N MET A 441 -0.10 -9.07 17.22
CA MET A 441 -1.45 -9.30 16.72
C MET A 441 -2.21 -10.25 17.63
N ASP A 442 -3.51 -10.28 17.45
CA ASP A 442 -4.39 -11.37 17.93
C ASP A 442 -5.40 -11.61 16.84
N GLY A 443 -5.35 -12.78 16.21
CA GLY A 443 -6.05 -13.04 14.95
C GLY A 443 -5.73 -11.93 13.97
N THR A 444 -6.76 -11.17 13.54
CA THR A 444 -6.64 -10.06 12.55
C THR A 444 -6.41 -8.73 13.24
N LYS A 445 -6.40 -8.65 14.56
CA LYS A 445 -6.25 -7.36 15.28
C LYS A 445 -4.78 -7.00 15.46
N HIS A 446 -4.43 -5.78 15.07
CA HIS A 446 -3.07 -5.23 15.26
C HIS A 446 -2.97 -4.45 16.56
N PHE A 447 -1.85 -4.53 17.26
CA PHE A 447 -1.56 -3.77 18.48
C PHE A 447 -0.32 -2.85 18.41
N ASP A 448 0.64 -3.10 17.50
CA ASP A 448 1.94 -2.38 17.56
C ASP A 448 1.87 -1.05 16.82
N PHE A 449 0.86 -0.82 15.98
CA PHE A 449 0.73 0.43 15.21
C PHE A 449 -0.26 1.36 15.89
N ILE A 450 0.03 2.64 15.84
CA ILE A 450 -0.98 3.66 16.26
C ILE A 450 -2.07 3.78 15.19
N ARG A 451 -3.29 4.05 15.65
CA ARG A 451 -4.41 4.40 14.77
C ARG A 451 -4.81 5.84 15.11
N GLY A 452 -4.77 6.73 14.14
CA GLY A 452 -5.15 8.13 14.35
C GLY A 452 -4.04 8.96 14.95
N SER A 453 -2.83 8.87 14.39
CA SER A 453 -1.62 9.56 14.86
C SER A 453 -1.85 11.07 14.99
N GLY A 454 -2.76 11.63 14.19
CA GLY A 454 -2.99 13.09 14.20
C GLY A 454 -3.89 13.54 15.34
N PHE A 455 -4.40 12.63 16.15
CA PHE A 455 -5.21 12.97 17.35
C PHE A 455 -4.41 12.67 18.63
N LYS A 456 -4.30 13.65 19.50
CA LYS A 456 -3.43 13.56 20.70
C LYS A 456 -3.80 12.32 21.51
N GLU A 457 -5.08 12.02 21.69
CA GLU A 457 -5.58 10.93 22.56
C GLU A 457 -5.11 9.57 22.04
N ALA A 458 -4.87 9.40 20.73
CA ALA A 458 -4.38 8.10 20.18
C ALA A 458 -3.09 7.67 20.91
N TRP A 459 -2.28 8.61 21.35
CA TRP A 459 -0.90 8.38 21.86
C TRP A 459 -0.94 7.89 23.32
N GLU A 460 -2.09 7.99 23.99
CA GLU A 460 -2.16 7.74 25.46
C GLU A 460 -1.64 6.33 25.78
N ARG A 461 -1.93 5.31 24.97
CA ARG A 461 -1.49 3.92 25.26
C ARG A 461 -0.01 3.70 24.87
N PHE A 462 0.71 4.70 24.35
CA PHE A 462 2.12 4.55 23.93
C PHE A 462 3.02 5.04 25.05
N PRO A 463 4.02 4.22 25.48
CA PRO A 463 4.90 4.66 26.54
C PRO A 463 5.69 5.94 26.19
N LEU A 464 6.16 6.61 27.23
CA LEU A 464 7.12 7.72 27.11
C LEU A 464 8.48 7.13 26.75
N ARG A 465 9.25 7.86 25.96
CA ARG A 465 10.65 7.49 25.61
C ARG A 465 11.44 7.65 26.92
N THR A 466 12.20 6.65 27.33
CA THR A 466 12.84 6.61 28.68
C THR A 466 14.04 7.56 28.69
#